data_7W79
#
_entry.id   7W79
#
_cell.length_a   169.369
_cell.length_b   169.369
_cell.length_c   95.053
_cell.angle_alpha   90.000
_cell.angle_beta   90.000
_cell.angle_gamma   90.000
#
_symmetry.space_group_name_H-M   'P 42 21 2'
#
loop_
_entity.id
_entity.type
_entity.pdbx_description
1 polymer 'Putative ABC transport system, ATP-binding protein'
2 polymer 'Putative ABC transport system integral membrane protein'
3 non-polymer "ADENOSINE-5'-TRIPHOSPHATE"
4 non-polymer 'MANGANESE (II) ION'
#
loop_
_entity_poly.entity_id
_entity_poly.type
_entity_poly.pdbx_seq_one_letter_code
_entity_poly.pdbx_strand_id
1 'polypeptide(L)'
;MSAAPVLSITNASVVYPDGISTVTALDSANVEIFPGELVAIVGESGSGKSTLLSIAGFLQEPTSGTVTLHGAEGLDATST
RREHIGFVFQQPNLLGSLTAREQLLITDHLRGIKPRKDRADELLARVGLKGLGGRRVAQLSGGQRQRVNIARALMGNPQL
LLADEPTSALDARLSKEIVELLRDVTKEFALATLMVTHDRSQLAYADRFVEMADGKALQTA
;
A
2 'polypeptide(L)'
;MFLGIRDIRAAAGRFALIASVVGLITLLIVMLTGLTQGLGKQNTSAIEALAPHSVVFTTAGGSSPEFTSSEISEQQAERW
KDSTPLGVSQTRIESDQNANTTAVMGLPEGTPLPDSVGGFIEQGALLPAELADFLHVRAGDHITLGGATVTVAGTVKTEN
YSHTPVVWVDTATWQLVSHTKAVGTVLLLNQEPTIQPQDNEVVTDLKGAFQAMPAYKSERSSLLSMQAFLYIISALVTVA
FLTVWTLQRTRDIAVLAALGASKRYLLIDALGQAAIILAAGVALGAGIGALLGWLIAGSVPFSLGWVSVLGPALGIWLLG
LIGATIAVRNVTKVDPQIALGATA
;
B
#
# COMPACT_ATOMS: atom_id res chain seq x y z
N ALA A 3 15.90 52.01 -7.40
CA ALA A 3 15.19 50.88 -6.77
C ALA A 3 14.51 49.97 -7.82
N ALA A 4 14.94 48.70 -7.90
CA ALA A 4 14.39 47.79 -8.90
C ALA A 4 13.06 47.21 -8.44
N PRO A 5 12.17 46.89 -9.38
CA PRO A 5 10.87 46.35 -9.00
C PRO A 5 10.98 44.98 -8.34
N VAL A 6 10.03 44.70 -7.45
CA VAL A 6 9.93 43.37 -6.86
C VAL A 6 9.21 42.42 -7.81
N LEU A 7 8.21 42.91 -8.53
CA LEU A 7 7.44 42.06 -9.43
C LEU A 7 7.19 42.83 -10.72
N SER A 8 7.57 42.22 -11.83
CA SER A 8 7.26 42.69 -13.16
C SER A 8 6.25 41.73 -13.78
N ILE A 9 5.02 42.19 -13.97
CA ILE A 9 4.05 41.51 -14.83
C ILE A 9 4.14 42.23 -16.17
N THR A 10 5.00 41.74 -17.05
CA THR A 10 5.30 42.43 -18.31
C THR A 10 4.31 41.92 -19.35
N ASN A 11 3.27 42.71 -19.61
CA ASN A 11 2.52 42.51 -20.83
C ASN A 11 1.94 41.09 -20.87
N ALA A 12 0.91 40.81 -20.08
CA ALA A 12 0.51 39.45 -19.75
C ALA A 12 -1.00 39.25 -19.90
N SER A 13 -1.39 38.08 -20.35
CA SER A 13 -2.77 37.80 -20.69
C SER A 13 -3.13 36.39 -20.24
N VAL A 14 -4.45 36.18 -20.07
CA VAL A 14 -5.03 34.90 -19.68
C VAL A 14 -6.30 34.69 -20.49
N VAL A 15 -6.34 33.59 -21.24
CA VAL A 15 -7.49 33.24 -22.07
C VAL A 15 -7.92 31.83 -21.71
N TYR A 16 -9.23 31.64 -21.53
CA TYR A 16 -9.72 30.33 -21.13
C TYR A 16 -10.59 29.75 -22.24
N PRO A 17 -10.58 28.43 -22.44
CA PRO A 17 -11.49 27.82 -23.40
C PRO A 17 -12.92 27.88 -22.88
N ASP A 18 -13.84 28.29 -23.73
CA ASP A 18 -15.25 28.32 -23.36
C ASP A 18 -15.99 27.27 -24.19
N GLY A 19 -15.61 26.00 -23.99
CA GLY A 19 -16.00 24.92 -24.87
C GLY A 19 -15.53 25.20 -26.28
N ILE A 20 -16.35 25.96 -27.01
CA ILE A 20 -16.02 26.39 -28.37
C ILE A 20 -15.21 27.68 -28.31
N SER A 21 -15.86 28.76 -27.88
CA SER A 21 -15.24 30.07 -27.93
C SER A 21 -14.18 30.22 -26.84
N THR A 22 -13.85 31.46 -26.53
CA THR A 22 -12.84 31.76 -25.54
C THR A 22 -13.41 32.75 -24.55
N VAL A 23 -12.68 32.97 -23.47
CA VAL A 23 -12.89 34.11 -22.58
C VAL A 23 -11.51 34.67 -22.31
N THR A 24 -11.34 35.96 -22.60
CA THR A 24 -10.09 36.66 -22.28
C THR A 24 -10.21 37.19 -20.87
N ALA A 25 -9.84 36.36 -19.89
CA ALA A 25 -10.01 36.76 -18.49
C ALA A 25 -9.24 38.03 -18.18
N LEU A 26 -7.97 38.08 -18.59
CA LEU A 26 -7.06 39.20 -18.42
C LEU A 26 -6.48 39.57 -19.77
N ASP A 27 -6.24 40.87 -19.99
CA ASP A 27 -5.91 41.40 -21.30
C ASP A 27 -4.69 42.33 -21.26
N SER A 28 -3.53 41.80 -21.62
CA SER A 28 -2.30 42.59 -21.80
C SER A 28 -1.95 43.40 -20.55
N ALA A 29 -2.03 42.75 -19.39
CA ALA A 29 -1.73 43.41 -18.13
C ALA A 29 -0.28 43.87 -18.07
N ASN A 30 -0.06 45.12 -17.68
CA ASN A 30 1.29 45.60 -17.40
C ASN A 30 1.32 46.14 -15.98
N VAL A 31 2.12 45.51 -15.13
CA VAL A 31 2.21 45.92 -13.75
C VAL A 31 3.64 45.76 -13.29
N GLU A 32 4.07 46.71 -12.47
CA GLU A 32 5.40 46.72 -11.86
C GLU A 32 5.23 47.30 -10.48
N ILE A 33 5.72 46.58 -9.46
CA ILE A 33 5.54 46.95 -8.07
C ILE A 33 6.89 46.94 -7.37
N PHE A 34 7.17 48.00 -6.63
CA PHE A 34 8.45 48.23 -5.99
C PHE A 34 8.37 48.08 -4.49
N PRO A 35 9.49 47.75 -3.86
CA PRO A 35 9.48 47.47 -2.41
C PRO A 35 8.75 48.55 -1.64
N GLY A 36 8.05 48.13 -0.59
CA GLY A 36 7.29 49.08 0.22
C GLY A 36 6.02 49.63 -0.39
N GLU A 37 5.67 49.19 -1.60
CA GLU A 37 4.46 49.66 -2.26
C GLU A 37 3.26 48.77 -1.94
N LEU A 38 2.11 49.40 -1.69
CA LEU A 38 0.84 48.71 -1.54
C LEU A 38 -0.10 49.26 -2.61
N VAL A 39 -0.28 48.50 -3.68
CA VAL A 39 -1.13 48.88 -4.81
C VAL A 39 -2.49 48.21 -4.66
N ALA A 40 -3.51 48.97 -4.35
CA ALA A 40 -4.85 48.44 -4.35
C ALA A 40 -5.27 48.08 -5.78
N ILE A 41 -6.14 47.08 -5.88
CA ILE A 41 -6.74 46.65 -7.14
C ILE A 41 -8.25 46.66 -6.96
N VAL A 42 -8.94 47.19 -7.97
CA VAL A 42 -10.33 47.60 -7.91
C VAL A 42 -10.96 47.22 -9.24
N GLY A 43 -12.27 47.05 -9.24
CA GLY A 43 -13.00 46.71 -10.44
C GLY A 43 -14.30 46.00 -10.10
N GLU A 44 -15.23 46.01 -11.06
CA GLU A 44 -16.46 45.27 -10.84
C GLU A 44 -16.23 43.76 -10.84
N SER A 45 -17.11 43.05 -10.14
CA SER A 45 -17.13 41.60 -10.10
C SER A 45 -16.88 40.99 -11.49
N GLY A 46 -15.73 40.34 -11.64
CA GLY A 46 -15.48 39.55 -12.82
C GLY A 46 -14.81 40.36 -13.90
N SER A 47 -13.92 41.25 -13.49
CA SER A 47 -13.21 42.13 -14.39
C SER A 47 -11.76 41.75 -14.57
N GLY A 48 -11.28 40.73 -13.87
CA GLY A 48 -9.90 40.32 -14.00
C GLY A 48 -9.11 40.50 -12.73
N LYS A 49 -9.74 40.83 -11.59
CA LYS A 49 -8.98 41.13 -10.39
C LYS A 49 -8.24 39.90 -9.88
N SER A 50 -8.99 38.79 -9.72
CA SER A 50 -8.39 37.56 -9.23
C SER A 50 -7.42 37.00 -10.28
N THR A 51 -7.79 37.07 -11.56
CA THR A 51 -6.87 36.57 -12.58
C THR A 51 -5.53 37.25 -12.47
N LEU A 52 -5.52 38.56 -12.30
CA LEU A 52 -4.24 39.26 -12.22
C LEU A 52 -3.43 38.77 -11.02
N LEU A 53 -4.09 38.48 -9.88
CA LEU A 53 -3.37 38.00 -8.71
C LEU A 53 -2.84 36.59 -8.91
N SER A 54 -3.58 35.77 -9.68
CA SER A 54 -3.19 34.37 -9.85
C SER A 54 -1.94 34.25 -10.68
N ILE A 55 -1.75 35.12 -11.68
CA ILE A 55 -0.48 35.06 -12.38
C ILE A 55 0.59 35.80 -11.59
N ALA A 56 0.23 36.92 -10.96
CA ALA A 56 1.13 37.55 -10.02
C ALA A 56 1.63 36.57 -8.98
N GLY A 57 0.84 35.56 -8.66
CA GLY A 57 1.21 34.59 -7.64
C GLY A 57 1.86 33.33 -8.16
N PHE A 58 2.06 33.24 -9.47
CA PHE A 58 2.57 32.03 -10.07
C PHE A 58 1.66 30.85 -9.76
N LEU A 59 0.37 31.12 -9.63
CA LEU A 59 -0.60 30.03 -9.56
C LEU A 59 -0.93 29.53 -10.94
N GLN A 60 -0.54 30.24 -12.00
CA GLN A 60 -0.67 29.72 -13.35
C GLN A 60 0.26 30.50 -14.27
N GLU A 61 0.69 29.84 -15.33
CA GLU A 61 1.45 30.61 -16.30
C GLU A 61 0.50 31.45 -17.15
N PRO A 62 0.89 32.66 -17.52
CA PRO A 62 0.01 33.46 -18.38
C PRO A 62 0.03 32.93 -19.79
N THR A 63 -1.14 32.93 -20.41
CA THR A 63 -1.26 32.52 -21.80
C THR A 63 -0.26 33.22 -22.73
N SER A 64 0.18 34.43 -22.35
CA SER A 64 1.08 35.29 -23.12
C SER A 64 1.74 36.23 -22.13
N GLY A 65 2.80 36.89 -22.57
CA GLY A 65 3.57 37.72 -21.67
C GLY A 65 4.28 36.89 -20.61
N THR A 66 4.99 37.60 -19.75
CA THR A 66 5.82 36.98 -18.73
C THR A 66 5.53 37.63 -17.39
N VAL A 67 5.81 36.90 -16.31
CA VAL A 67 5.75 37.43 -14.95
C VAL A 67 7.07 37.05 -14.32
N THR A 68 7.74 38.03 -13.71
CA THR A 68 9.07 37.81 -13.19
C THR A 68 9.17 38.41 -11.81
N LEU A 69 9.39 37.56 -10.81
CA LEU A 69 9.77 38.02 -9.50
C LEU A 69 11.28 38.13 -9.47
N HIS A 70 11.77 39.28 -9.02
CA HIS A 70 13.20 39.53 -9.02
C HIS A 70 13.81 39.08 -7.70
N GLY A 71 15.06 38.63 -7.77
CA GLY A 71 15.65 37.98 -6.62
C GLY A 71 15.08 36.60 -6.40
N ALA A 72 14.59 35.99 -7.47
CA ALA A 72 13.98 34.67 -7.45
C ALA A 72 14.02 34.19 -8.89
N GLU A 73 14.64 35.00 -9.75
CA GLU A 73 15.02 34.52 -11.06
C GLU A 73 16.01 33.38 -10.89
N GLY A 74 15.82 32.33 -11.68
CA GLY A 74 16.56 31.10 -11.46
C GLY A 74 15.95 30.26 -10.36
N LEU A 75 14.64 30.06 -10.45
CA LEU A 75 13.84 29.28 -9.50
C LEU A 75 12.57 28.86 -10.23
N ASP A 76 12.00 27.73 -9.80
CA ASP A 76 10.74 27.28 -10.38
C ASP A 76 9.56 27.95 -9.70
N ALA A 77 8.39 27.82 -10.32
CA ALA A 77 7.20 28.50 -9.82
C ALA A 77 6.94 28.16 -8.35
N THR A 78 6.92 26.88 -8.02
CA THR A 78 6.55 26.48 -6.67
C THR A 78 7.54 27.01 -5.63
N SER A 79 8.84 26.83 -5.87
CA SER A 79 9.81 27.35 -4.91
C SER A 79 9.68 28.87 -4.78
N THR A 80 9.34 29.54 -5.87
CA THR A 80 9.07 30.98 -5.80
C THR A 80 7.97 31.26 -4.79
N ARG A 81 6.79 30.69 -5.00
CA ARG A 81 5.71 30.86 -4.03
C ARG A 81 6.18 30.52 -2.63
N ARG A 82 6.77 29.33 -2.45
CA ARG A 82 7.18 28.90 -1.11
C ARG A 82 8.07 29.92 -0.44
N GLU A 83 9.03 30.48 -1.16
CA GLU A 83 10.05 31.31 -0.55
C GLU A 83 9.79 32.80 -0.63
N HIS A 84 8.99 33.27 -1.59
CA HIS A 84 8.90 34.71 -1.81
C HIS A 84 7.51 35.31 -1.85
N ILE A 85 6.44 34.53 -1.75
CA ILE A 85 5.09 35.07 -1.89
C ILE A 85 4.20 34.70 -0.71
N GLY A 86 3.36 35.67 -0.30
CA GLY A 86 2.27 35.44 0.64
C GLY A 86 0.89 35.60 0.01
N PHE A 87 0.00 34.62 0.17
CA PHE A 87 -1.33 34.63 -0.45
C PHE A 87 -2.42 34.77 0.60
N VAL A 88 -3.26 35.79 0.44
CA VAL A 88 -4.52 35.78 1.18
C VAL A 88 -5.62 35.42 0.18
N PHE A 89 -5.94 34.13 0.12
CA PHE A 89 -6.80 33.61 -0.93
C PHE A 89 -8.16 34.25 -0.88
N GLN A 90 -8.83 34.30 -2.01
CA GLN A 90 -10.13 34.98 -2.04
C GLN A 90 -11.11 34.33 -1.08
N GLN A 91 -11.11 33.02 -1.00
CA GLN A 91 -11.80 32.38 0.10
C GLN A 91 -10.76 31.80 1.04
N PRO A 92 -11.13 31.40 2.27
CA PRO A 92 -10.12 31.16 3.30
C PRO A 92 -9.17 30.00 3.01
N ASN A 93 -9.63 28.95 2.32
CA ASN A 93 -8.80 27.80 1.99
C ASN A 93 -8.01 27.34 3.21
N LEU A 94 -8.72 27.03 4.28
CA LEU A 94 -8.10 26.48 5.46
C LEU A 94 -8.15 24.96 5.37
N LEU A 95 -7.07 24.32 5.81
CA LEU A 95 -6.95 22.86 5.78
C LEU A 95 -7.79 22.30 6.91
N GLY A 96 -8.76 21.44 6.59
CA GLY A 96 -9.90 21.20 7.46
C GLY A 96 -9.64 20.34 8.70
N SER A 97 -8.42 19.85 8.90
CA SER A 97 -8.13 19.07 10.10
C SER A 97 -7.18 19.78 11.04
N LEU A 98 -6.77 21.01 10.72
CA LEU A 98 -5.86 21.79 11.53
C LEU A 98 -6.67 22.77 12.38
N THR A 99 -6.05 23.23 13.46
CA THR A 99 -6.61 24.29 14.30
C THR A 99 -6.20 25.65 13.73
N ALA A 100 -6.67 26.73 14.35
CA ALA A 100 -6.30 28.05 13.86
C ALA A 100 -4.79 28.23 13.88
N ARG A 101 -4.17 27.85 14.99
CA ARG A 101 -2.72 27.96 15.13
C ARG A 101 -2.02 27.12 14.07
N GLU A 102 -2.53 25.90 13.85
CA GLU A 102 -1.86 24.97 12.95
C GLU A 102 -1.96 25.40 11.50
N GLN A 103 -3.02 26.14 11.15
CA GLN A 103 -3.16 26.70 9.81
C GLN A 103 -1.95 27.51 9.40
N LEU A 104 -1.30 28.16 10.38
CA LEU A 104 -0.11 28.99 10.20
C LEU A 104 1.18 28.17 10.34
N LEU A 105 1.25 27.33 11.38
CA LEU A 105 2.45 26.54 11.62
C LEU A 105 2.77 25.64 10.42
N ILE A 106 1.74 25.09 9.78
CA ILE A 106 1.99 24.20 8.66
C ILE A 106 2.84 24.88 7.60
N THR A 107 2.80 26.22 7.53
CA THR A 107 3.58 26.93 6.53
C THR A 107 5.06 26.96 6.90
N ASP A 108 5.39 27.23 8.17
CA ASP A 108 6.74 26.97 8.66
C ASP A 108 7.20 25.58 8.26
N HIS A 109 6.36 24.60 8.52
CA HIS A 109 6.69 23.22 8.20
C HIS A 109 7.07 23.07 6.73
N LEU A 110 6.13 23.38 5.83
CA LEU A 110 6.45 23.11 4.43
C LEU A 110 7.63 23.96 3.93
N ARG A 111 7.87 25.12 4.55
CA ARG A 111 9.08 25.88 4.26
C ARG A 111 10.32 25.27 4.90
N GLY A 112 10.18 24.20 5.67
CA GLY A 112 11.31 23.43 6.14
C GLY A 112 11.92 23.88 7.44
N ILE A 113 11.18 24.55 8.30
CA ILE A 113 11.74 25.05 9.55
C ILE A 113 10.81 24.68 10.69
N LYS A 114 11.38 24.55 11.87
CA LYS A 114 10.61 24.08 13.02
C LYS A 114 9.51 25.08 13.31
N PRO A 115 8.24 24.67 13.32
CA PRO A 115 7.15 25.64 13.46
C PRO A 115 7.25 26.44 14.75
N ARG A 116 7.08 27.76 14.61
CA ARG A 116 7.22 28.70 15.72
C ARG A 116 5.85 28.91 16.38
N LYS A 117 5.58 28.15 17.45
CA LYS A 117 4.28 28.24 18.11
C LYS A 117 3.96 29.65 18.60
N ASP A 118 4.99 30.47 18.83
CA ASP A 118 4.75 31.76 19.48
C ASP A 118 4.54 32.88 18.47
N ARG A 119 5.23 32.84 17.33
CA ARG A 119 4.92 33.75 16.25
C ARG A 119 3.50 33.56 15.77
N ALA A 120 3.10 32.31 15.56
CA ALA A 120 1.71 32.00 15.25
C ALA A 120 0.75 32.68 16.22
N ASP A 121 0.96 32.46 17.52
CA ASP A 121 0.06 33.06 18.50
C ASP A 121 0.01 34.57 18.36
N GLU A 122 1.12 35.22 18.04
CA GLU A 122 1.12 36.67 17.96
C GLU A 122 0.39 37.17 16.72
N LEU A 123 0.72 36.60 15.56
CA LEU A 123 0.00 36.93 14.33
C LEU A 123 -1.50 36.71 14.51
N LEU A 124 -1.89 35.65 15.23
CA LEU A 124 -3.31 35.41 15.47
C LEU A 124 -3.92 36.54 16.28
N ALA A 125 -3.17 37.09 17.22
CA ALA A 125 -3.67 38.20 18.04
C ALA A 125 -3.81 39.48 17.24
N ARG A 126 -2.79 39.84 16.44
CA ARG A 126 -2.89 41.02 15.58
C ARG A 126 -4.15 41.03 14.73
N VAL A 127 -4.59 39.88 14.23
CA VAL A 127 -5.73 39.88 13.34
C VAL A 127 -7.00 39.79 14.16
N GLY A 128 -6.84 39.90 15.46
CA GLY A 128 -7.97 40.02 16.35
C GLY A 128 -8.52 38.72 16.86
N LEU A 129 -7.72 37.67 16.94
CA LEU A 129 -8.19 36.33 17.25
C LEU A 129 -7.44 35.72 18.43
N LYS A 130 -7.02 36.56 19.39
CA LYS A 130 -6.33 36.01 20.55
C LYS A 130 -7.23 35.02 21.27
N GLY A 131 -6.63 33.91 21.70
CA GLY A 131 -7.36 32.88 22.41
C GLY A 131 -8.26 32.05 21.56
N LEU A 132 -8.14 32.14 20.24
CA LEU A 132 -8.91 31.29 19.34
C LEU A 132 -8.02 30.35 18.55
N GLY A 133 -6.73 30.28 18.90
CA GLY A 133 -5.80 29.48 18.13
C GLY A 133 -6.04 27.99 18.22
N GLY A 134 -6.94 27.55 19.09
CA GLY A 134 -7.25 26.14 19.15
C GLY A 134 -8.47 25.72 18.37
N ARG A 135 -9.16 26.66 17.72
CA ARG A 135 -10.46 26.40 17.11
C ARG A 135 -10.31 25.54 15.87
N ARG A 136 -11.19 24.57 15.72
CA ARG A 136 -11.27 23.90 14.44
C ARG A 136 -11.99 24.80 13.44
N VAL A 137 -11.72 24.57 12.14
CA VAL A 137 -12.33 25.43 11.13
C VAL A 137 -13.83 25.56 11.36
N ALA A 138 -14.51 24.46 11.69
CA ALA A 138 -15.96 24.51 11.80
C ALA A 138 -16.43 25.29 13.02
N GLN A 139 -15.55 25.59 13.98
CA GLN A 139 -15.92 26.44 15.10
C GLN A 139 -15.48 27.89 14.92
N LEU A 140 -15.20 28.30 13.68
CA LEU A 140 -14.85 29.68 13.36
C LEU A 140 -15.92 30.27 12.46
N SER A 141 -16.20 31.55 12.66
CA SER A 141 -17.10 32.28 11.79
C SER A 141 -16.44 32.62 10.45
N GLY A 142 -17.25 33.10 9.51
CA GLY A 142 -16.71 33.49 8.22
C GLY A 142 -15.59 34.51 8.31
N GLY A 143 -15.81 35.57 9.09
CA GLY A 143 -14.79 36.60 9.23
C GLY A 143 -13.61 36.12 10.05
N GLN A 144 -13.88 35.26 11.04
CA GLN A 144 -12.79 34.63 11.77
C GLN A 144 -11.89 33.85 10.84
N ARG A 145 -12.48 33.14 9.87
CA ARG A 145 -11.69 32.35 8.93
C ARG A 145 -10.85 33.27 8.04
N GLN A 146 -11.50 34.19 7.32
CA GLN A 146 -10.77 35.21 6.57
C GLN A 146 -9.50 35.66 7.28
N ARG A 147 -9.56 35.81 8.60
CA ARG A 147 -8.47 36.44 9.30
C ARG A 147 -7.41 35.45 9.74
N VAL A 148 -7.77 34.18 9.87
CA VAL A 148 -6.75 33.12 9.92
C VAL A 148 -6.04 33.06 8.57
N ASN A 149 -6.82 33.06 7.49
CA ASN A 149 -6.28 33.16 6.13
C ASN A 149 -5.27 34.30 6.02
N ILE A 150 -5.66 35.49 6.49
CA ILE A 150 -4.78 36.66 6.52
C ILE A 150 -3.55 36.38 7.38
N ALA A 151 -3.78 35.93 8.61
CA ALA A 151 -2.67 35.67 9.50
C ALA A 151 -1.67 34.72 8.86
N ARG A 152 -2.19 33.66 8.21
CA ARG A 152 -1.33 32.67 7.57
C ARG A 152 -0.38 33.31 6.57
N ALA A 153 -0.88 34.28 5.78
CA ALA A 153 -0.08 34.96 4.77
C ALA A 153 1.12 35.67 5.38
N LEU A 154 1.01 36.11 6.63
CA LEU A 154 2.01 36.95 7.26
C LEU A 154 3.07 36.15 8.00
N MET A 155 3.00 34.82 7.96
CA MET A 155 3.89 34.00 8.76
C MET A 155 5.30 33.90 8.19
N GLY A 156 5.49 34.13 6.91
CA GLY A 156 6.74 33.81 6.26
C GLY A 156 7.74 34.95 6.32
N ASN A 157 8.62 34.99 5.32
CA ASN A 157 9.41 36.16 5.02
C ASN A 157 9.31 36.42 3.51
N PRO A 158 8.11 36.72 3.04
CA PRO A 158 7.92 36.96 1.62
C PRO A 158 8.39 38.36 1.25
N GLN A 159 8.45 38.60 -0.06
CA GLN A 159 8.65 39.95 -0.55
C GLN A 159 7.51 40.44 -1.40
N LEU A 160 6.62 39.54 -1.84
CA LEU A 160 5.40 39.90 -2.54
C LEU A 160 4.23 39.41 -1.71
N LEU A 161 3.24 40.28 -1.51
CA LEU A 161 2.08 39.95 -0.69
C LEU A 161 0.84 40.19 -1.54
N LEU A 162 0.06 39.14 -1.80
CA LEU A 162 -1.13 39.22 -2.66
C LEU A 162 -2.38 38.99 -1.82
N ALA A 163 -3.23 40.01 -1.69
CA ALA A 163 -4.41 39.96 -0.83
C ALA A 163 -5.65 40.19 -1.67
N ASP A 164 -6.55 39.20 -1.69
CA ASP A 164 -7.64 39.17 -2.65
C ASP A 164 -8.95 39.50 -1.92
N GLU A 165 -9.21 40.79 -1.72
CA GLU A 165 -10.42 41.16 -0.98
C GLU A 165 -10.39 40.58 0.45
N PRO A 166 -9.39 40.95 1.25
CA PRO A 166 -9.20 40.29 2.55
C PRO A 166 -10.11 40.79 3.65
N THR A 167 -11.02 41.72 3.37
CA THR A 167 -11.91 42.24 4.41
C THR A 167 -13.37 42.01 4.04
N SER A 168 -13.62 41.20 3.03
CA SER A 168 -14.96 41.01 2.50
C SER A 168 -15.98 40.62 3.57
N ALA A 169 -15.53 39.89 4.59
CA ALA A 169 -16.38 39.34 5.64
C ALA A 169 -16.26 40.08 6.96
N LEU A 170 -15.64 41.24 6.96
CA LEU A 170 -15.34 41.95 8.19
C LEU A 170 -16.21 43.20 8.28
N ASP A 171 -16.77 43.41 9.47
CA ASP A 171 -17.34 44.67 9.88
C ASP A 171 -16.36 45.80 9.61
N ALA A 172 -16.89 47.03 9.41
CA ALA A 172 -16.02 48.17 9.09
C ALA A 172 -14.88 48.31 10.08
N ARG A 173 -15.15 48.19 11.38
CA ARG A 173 -14.09 48.39 12.37
C ARG A 173 -12.88 47.52 12.05
N LEU A 174 -13.11 46.21 11.86
CA LEU A 174 -12.01 45.27 11.65
C LEU A 174 -11.36 45.43 10.29
N SER A 175 -12.16 45.69 9.26
CA SER A 175 -11.60 46.00 7.95
C SER A 175 -10.50 47.05 8.08
N LYS A 176 -10.83 48.18 8.72
CA LYS A 176 -9.84 49.24 8.90
C LYS A 176 -8.57 48.71 9.55
N GLU A 177 -8.70 47.87 10.59
CA GLU A 177 -7.55 47.30 11.29
C GLU A 177 -6.73 46.43 10.37
N ILE A 178 -7.40 45.60 9.59
CA ILE A 178 -6.72 44.69 8.67
C ILE A 178 -5.92 45.49 7.66
N VAL A 179 -6.60 46.33 6.87
CA VAL A 179 -5.87 47.05 5.85
C VAL A 179 -4.81 47.96 6.46
N GLU A 180 -5.05 48.47 7.67
CA GLU A 180 -3.98 49.11 8.43
C GLU A 180 -2.79 48.17 8.61
N LEU A 181 -3.05 46.96 9.15
CA LEU A 181 -1.98 45.98 9.34
C LEU A 181 -1.25 45.70 8.03
N LEU A 182 -2.01 45.46 6.96
CA LEU A 182 -1.40 45.24 5.65
C LEU A 182 -0.45 46.37 5.31
N ARG A 183 -0.94 47.60 5.35
CA ARG A 183 -0.07 48.75 5.09
C ARG A 183 1.18 48.71 5.96
N ASP A 184 1.00 48.55 7.27
CA ASP A 184 2.15 48.55 8.17
C ASP A 184 3.20 47.53 7.75
N VAL A 185 2.86 46.22 7.71
CA VAL A 185 3.90 45.23 7.41
C VAL A 185 4.46 45.45 6.00
N THR A 186 3.70 46.09 5.12
CA THR A 186 4.22 46.45 3.81
C THR A 186 5.38 47.43 3.93
N LYS A 187 5.19 48.49 4.73
CA LYS A 187 6.20 49.51 4.93
C LYS A 187 7.31 49.01 5.85
N GLU A 188 6.96 48.48 7.03
CA GLU A 188 8.00 47.93 7.91
C GLU A 188 8.99 47.05 7.15
N PHE A 189 8.50 46.22 6.24
CA PHE A 189 9.35 45.20 5.64
C PHE A 189 9.67 45.49 4.17
N ALA A 190 9.29 46.65 3.65
CA ALA A 190 9.56 46.96 2.25
C ALA A 190 9.03 45.86 1.36
N LEU A 191 7.75 45.52 1.56
CA LEU A 191 7.06 44.55 0.74
C LEU A 191 6.48 45.23 -0.49
N ALA A 192 6.31 44.45 -1.54
CA ALA A 192 5.41 44.79 -2.63
C ALA A 192 4.09 44.08 -2.36
N THR A 193 3.02 44.86 -2.20
CA THR A 193 1.72 44.31 -1.83
C THR A 193 0.69 44.71 -2.88
N LEU A 194 -0.01 43.73 -3.41
CA LEU A 194 -1.17 43.90 -4.26
C LEU A 194 -2.40 43.48 -3.46
N MET A 195 -3.36 44.38 -3.33
CA MET A 195 -4.51 44.15 -2.48
C MET A 195 -5.77 44.43 -3.29
N VAL A 196 -6.48 43.36 -3.69
CA VAL A 196 -7.79 43.52 -4.32
C VAL A 196 -8.79 43.93 -3.25
N THR A 197 -9.71 44.84 -3.60
CA THR A 197 -10.76 45.28 -2.70
C THR A 197 -11.87 45.94 -3.49
N HIS A 198 -13.06 45.94 -2.88
CA HIS A 198 -14.20 46.71 -3.32
C HIS A 198 -14.54 47.84 -2.38
N ASP A 199 -13.87 47.91 -1.23
CA ASP A 199 -14.12 48.93 -0.22
C ASP A 199 -13.28 50.14 -0.61
N ARG A 200 -13.84 50.93 -1.53
CA ARG A 200 -13.04 51.99 -2.14
C ARG A 200 -12.54 52.97 -1.09
N SER A 201 -13.24 53.09 0.03
CA SER A 201 -12.72 53.82 1.18
C SER A 201 -11.27 53.44 1.50
N GLN A 202 -10.89 52.18 1.29
CA GLN A 202 -9.57 51.74 1.75
C GLN A 202 -8.44 52.19 0.86
N LEU A 203 -8.75 52.84 -0.28
CA LEU A 203 -7.69 53.38 -1.13
C LEU A 203 -6.79 54.32 -0.33
N ALA A 204 -7.38 55.06 0.61
CA ALA A 204 -6.66 55.87 1.57
C ALA A 204 -5.34 55.28 2.04
N TYR A 205 -5.27 53.95 2.21
CA TYR A 205 -4.05 53.31 2.72
C TYR A 205 -3.12 52.78 1.63
N ALA A 206 -3.45 53.00 0.36
CA ALA A 206 -2.72 52.41 -0.74
C ALA A 206 -1.90 53.48 -1.45
N ASP A 207 -0.65 53.13 -1.77
CA ASP A 207 0.24 54.05 -2.47
C ASP A 207 -0.33 54.49 -3.83
N ARG A 208 -0.60 53.55 -4.72
CA ARG A 208 -1.35 53.82 -5.94
C ARG A 208 -2.50 52.82 -6.06
N PHE A 209 -3.18 52.78 -7.20
CA PHE A 209 -4.16 51.71 -7.35
C PHE A 209 -4.49 51.52 -8.83
N VAL A 210 -4.74 50.28 -9.21
CA VAL A 210 -5.13 49.90 -10.56
C VAL A 210 -6.62 49.55 -10.54
N GLU A 211 -7.38 50.13 -11.47
CA GLU A 211 -8.79 49.79 -11.64
C GLU A 211 -8.96 49.00 -12.91
N MET A 212 -9.93 48.09 -12.91
CA MET A 212 -10.01 47.06 -13.93
C MET A 212 -11.42 46.90 -14.43
N ALA A 213 -11.53 46.75 -15.75
CA ALA A 213 -12.77 46.47 -16.44
C ALA A 213 -12.44 45.63 -17.66
N ASP A 214 -13.23 44.59 -17.90
CA ASP A 214 -13.04 43.71 -19.05
C ASP A 214 -11.60 43.25 -19.20
N GLY A 215 -11.04 42.75 -18.12
CA GLY A 215 -9.72 42.20 -18.17
C GLY A 215 -8.59 43.17 -18.30
N LYS A 216 -8.86 44.47 -18.51
CA LYS A 216 -7.81 45.46 -18.71
C LYS A 216 -7.66 46.36 -17.49
N ALA A 217 -6.45 46.91 -17.34
CA ALA A 217 -6.20 48.04 -16.46
C ALA A 217 -6.53 49.36 -17.17
N LEU A 218 -6.90 50.36 -16.40
CA LEU A 218 -7.28 51.66 -16.98
C LEU A 218 -6.34 52.81 -16.57
N MET B 1 5.33 15.34 7.55
CA MET B 1 3.90 15.07 7.34
C MET B 1 3.05 15.69 8.43
N PHE B 2 3.23 17.01 8.59
CA PHE B 2 2.43 17.80 9.53
C PHE B 2 0.94 17.55 9.33
N LEU B 3 0.45 17.79 8.11
CA LEU B 3 -0.97 17.65 7.83
C LEU B 3 -1.39 16.19 7.77
N GLY B 4 -0.62 15.37 7.08
CA GLY B 4 -1.01 13.98 6.92
C GLY B 4 -1.33 13.33 8.25
N ILE B 5 -0.46 13.52 9.24
CA ILE B 5 -0.66 12.83 10.51
C ILE B 5 -1.85 13.41 11.28
N ARG B 6 -2.07 14.73 11.27
CA ARG B 6 -3.24 15.24 11.99
C ARG B 6 -4.56 14.96 11.28
N ASP B 7 -4.57 14.72 9.97
CA ASP B 7 -5.79 14.22 9.35
C ASP B 7 -6.30 12.99 10.09
N ILE B 8 -5.38 12.20 10.66
CA ILE B 8 -5.75 10.91 11.24
C ILE B 8 -6.45 11.11 12.58
N ARG B 9 -5.88 11.95 13.46
CA ARG B 9 -6.58 12.24 14.71
C ARG B 9 -7.90 12.95 14.43
N ALA B 10 -7.91 13.85 13.45
CA ALA B 10 -9.12 14.58 13.10
C ALA B 10 -10.25 13.68 12.62
N ALA B 11 -9.95 12.46 12.16
CA ALA B 11 -11.05 11.67 11.63
C ALA B 11 -10.69 10.19 11.74
N ALA B 12 -10.61 9.70 13.00
CA ALA B 12 -10.16 8.33 13.24
C ALA B 12 -11.16 7.29 12.76
N GLY B 13 -12.44 7.65 12.69
CA GLY B 13 -13.40 6.73 12.11
C GLY B 13 -13.10 6.46 10.64
N ARG B 14 -12.97 7.52 9.85
CA ARG B 14 -12.69 7.40 8.42
C ARG B 14 -11.50 6.50 8.15
N PHE B 15 -10.47 6.60 8.99
CA PHE B 15 -9.26 5.84 8.73
C PHE B 15 -9.36 4.40 9.21
N ALA B 16 -10.05 4.16 10.32
CA ALA B 16 -10.40 2.79 10.66
C ALA B 16 -11.04 2.10 9.46
N LEU B 17 -12.12 2.70 8.93
CA LEU B 17 -12.82 2.18 7.77
C LEU B 17 -11.89 1.87 6.60
N ILE B 18 -10.83 2.66 6.42
CA ILE B 18 -9.96 2.36 5.29
C ILE B 18 -8.97 1.27 5.65
N ALA B 19 -8.49 1.24 6.90
CA ALA B 19 -7.66 0.12 7.34
C ALA B 19 -8.43 -1.19 7.29
N SER B 20 -9.72 -1.16 7.63
CA SER B 20 -10.55 -2.33 7.45
C SER B 20 -10.38 -2.90 6.04
N VAL B 21 -10.68 -2.10 5.00
CA VAL B 21 -10.67 -2.69 3.67
C VAL B 21 -9.28 -3.19 3.30
N VAL B 22 -8.23 -2.51 3.75
CA VAL B 22 -6.90 -3.03 3.47
C VAL B 22 -6.68 -4.33 4.24
N GLY B 23 -7.05 -4.35 5.53
CA GLY B 23 -6.92 -5.58 6.31
C GLY B 23 -7.77 -6.71 5.77
N LEU B 24 -9.05 -6.45 5.53
CA LEU B 24 -9.91 -7.44 4.90
C LEU B 24 -9.28 -8.03 3.65
N ILE B 25 -8.53 -7.24 2.88
CA ILE B 25 -7.86 -7.79 1.71
C ILE B 25 -6.72 -8.71 2.13
N THR B 26 -5.81 -8.21 2.98
CA THR B 26 -4.74 -9.06 3.50
C THR B 26 -5.32 -10.36 4.07
N LEU B 27 -6.44 -10.27 4.79
CA LEU B 27 -7.11 -11.48 5.24
C LEU B 27 -7.37 -12.42 4.07
N LEU B 28 -8.25 -12.02 3.16
CA LEU B 28 -8.62 -12.85 2.01
C LEU B 28 -7.41 -13.54 1.38
N ILE B 29 -6.29 -12.84 1.25
CA ILE B 29 -5.08 -13.46 0.71
C ILE B 29 -4.54 -14.50 1.69
N VAL B 30 -4.18 -14.08 2.90
CA VAL B 30 -3.61 -15.01 3.88
C VAL B 30 -4.50 -16.23 4.05
N MET B 31 -5.81 -16.06 3.94
CA MET B 31 -6.70 -17.21 4.03
C MET B 31 -6.58 -18.11 2.81
N LEU B 32 -7.00 -17.62 1.63
CA LEU B 32 -6.98 -18.44 0.42
C LEU B 32 -5.61 -19.04 0.16
N THR B 33 -4.54 -18.26 0.37
CA THR B 33 -3.20 -18.80 0.18
C THR B 33 -3.02 -20.09 0.97
N GLY B 34 -3.31 -20.05 2.27
CA GLY B 34 -3.13 -21.21 3.13
C GLY B 34 -4.16 -22.30 2.93
N LEU B 35 -5.36 -21.95 2.47
CA LEU B 35 -6.31 -22.97 2.06
C LEU B 35 -5.87 -23.69 0.79
N THR B 36 -5.06 -23.04 -0.03
CA THR B 36 -4.60 -23.72 -1.24
C THR B 36 -3.24 -24.37 -1.01
N GLN B 37 -2.36 -23.74 -0.25
CA GLN B 37 -1.25 -24.53 0.26
C GLN B 37 -1.73 -25.76 1.01
N GLY B 38 -3.02 -25.82 1.36
CA GLY B 38 -3.63 -26.95 2.02
C GLY B 38 -3.88 -28.12 1.11
N LEU B 39 -4.78 -27.93 0.13
CA LEU B 39 -4.97 -28.88 -0.97
C LEU B 39 -3.64 -29.37 -1.55
N GLY B 40 -2.63 -28.50 -1.61
CA GLY B 40 -1.37 -28.92 -2.19
C GLY B 40 -0.72 -30.04 -1.42
N LYS B 41 -0.71 -29.93 -0.09
CA LYS B 41 -0.16 -30.96 0.79
C LYS B 41 -0.95 -32.27 0.74
N GLN B 42 -2.17 -32.24 0.17
CA GLN B 42 -2.93 -33.47 -0.02
C GLN B 42 -2.25 -34.44 -0.95
N ASN B 43 -1.18 -34.04 -1.64
CA ASN B 43 -0.35 -34.98 -2.39
C ASN B 43 1.02 -35.16 -1.79
N THR B 44 1.53 -34.15 -1.06
CA THR B 44 2.96 -34.05 -0.73
C THR B 44 3.31 -34.20 0.75
N SER B 45 2.33 -34.12 1.66
CA SER B 45 2.69 -33.99 3.06
C SER B 45 3.50 -35.18 3.56
N ALA B 46 3.21 -36.38 3.05
CA ALA B 46 3.88 -37.58 3.57
C ALA B 46 5.37 -37.59 3.23
N ILE B 47 5.74 -37.29 1.98
CA ILE B 47 7.17 -37.32 1.73
C ILE B 47 7.82 -36.07 2.31
N GLU B 48 7.10 -34.95 2.31
CA GLU B 48 7.54 -33.78 3.06
C GLU B 48 7.89 -34.18 4.49
N ALA B 49 6.89 -34.71 5.20
CA ALA B 49 7.06 -35.20 6.56
C ALA B 49 8.30 -36.06 6.74
N LEU B 50 8.71 -36.80 5.72
CA LEU B 50 9.89 -37.65 5.84
C LEU B 50 11.19 -36.88 5.67
N ALA B 51 11.12 -35.59 5.27
CA ALA B 51 12.26 -34.68 5.17
C ALA B 51 13.52 -35.34 4.62
N PRO B 52 13.54 -35.68 3.34
CA PRO B 52 14.80 -36.08 2.70
C PRO B 52 15.47 -34.87 2.06
N HIS B 53 16.81 -34.85 2.07
CA HIS B 53 17.51 -33.79 1.35
C HIS B 53 17.44 -34.08 -0.14
N SER B 54 18.08 -35.17 -0.54
CA SER B 54 17.98 -35.71 -1.89
C SER B 54 17.25 -37.04 -1.83
N VAL B 55 16.61 -37.39 -2.96
CA VAL B 55 15.89 -38.65 -3.11
C VAL B 55 16.24 -39.23 -4.48
N VAL B 56 16.95 -40.36 -4.49
CA VAL B 56 17.37 -41.00 -5.74
C VAL B 56 16.26 -41.86 -6.32
N PHE B 57 15.89 -41.59 -7.57
CA PHE B 57 14.90 -42.29 -8.36
C PHE B 57 15.57 -43.31 -9.30
N THR B 58 14.81 -43.80 -10.28
CA THR B 58 15.32 -44.75 -11.28
C THR B 58 14.50 -44.59 -12.55
N THR B 59 15.14 -44.18 -13.64
CA THR B 59 14.59 -44.35 -14.97
C THR B 59 15.63 -44.99 -15.88
N ALA B 60 15.16 -45.68 -16.90
CA ALA B 60 16.03 -46.28 -17.91
C ALA B 60 16.08 -45.47 -19.20
N GLY B 61 14.97 -44.80 -19.56
CA GLY B 61 14.98 -43.96 -20.73
C GLY B 61 15.60 -42.60 -20.56
N GLY B 62 16.35 -42.40 -19.48
CA GLY B 62 16.83 -41.06 -19.12
C GLY B 62 15.73 -40.04 -18.97
N SER B 63 14.50 -40.48 -18.68
CA SER B 63 13.34 -39.61 -18.71
C SER B 63 13.09 -38.99 -17.33
N SER B 64 12.06 -38.16 -17.24
CA SER B 64 11.66 -37.57 -15.97
C SER B 64 11.35 -38.69 -14.99
N PRO B 65 12.02 -38.76 -13.83
CA PRO B 65 11.65 -39.77 -12.83
C PRO B 65 10.19 -39.64 -12.45
N GLU B 66 9.57 -40.79 -12.16
CA GLU B 66 8.14 -40.89 -11.84
C GLU B 66 7.95 -41.88 -10.69
N PHE B 67 7.12 -41.52 -9.72
CA PHE B 67 6.94 -42.41 -8.57
C PHE B 67 6.27 -43.72 -8.98
N THR B 68 5.52 -43.70 -10.10
CA THR B 68 4.77 -44.86 -10.58
C THR B 68 5.64 -45.88 -11.30
N SER B 69 6.85 -45.51 -11.69
CA SER B 69 7.62 -46.26 -12.67
C SER B 69 9.08 -46.33 -12.25
N SER B 70 9.33 -46.52 -10.96
CA SER B 70 10.71 -46.56 -10.51
C SER B 70 10.81 -47.59 -9.42
N GLU B 71 11.94 -48.27 -9.33
CA GLU B 71 12.10 -49.18 -8.20
C GLU B 71 13.56 -49.42 -7.92
N ILE B 72 13.84 -49.73 -6.66
CA ILE B 72 15.20 -49.85 -6.15
C ILE B 72 15.45 -51.32 -5.85
N SER B 73 16.38 -51.90 -6.62
CA SER B 73 16.81 -53.28 -6.42
C SER B 73 17.65 -53.39 -5.16
N GLU B 74 17.55 -54.55 -4.51
CA GLU B 74 18.19 -54.73 -3.23
C GLU B 74 19.67 -54.43 -3.29
N GLN B 75 20.27 -54.49 -4.49
CA GLN B 75 21.70 -54.20 -4.59
C GLN B 75 21.94 -52.71 -4.80
N GLN B 76 21.07 -52.06 -5.54
CA GLN B 76 21.03 -50.60 -5.62
C GLN B 76 21.10 -49.99 -4.22
N ALA B 77 20.48 -50.64 -3.23
CA ALA B 77 20.36 -50.13 -1.88
C ALA B 77 21.69 -50.01 -1.15
N GLU B 78 22.77 -50.58 -1.70
CA GLU B 78 24.08 -50.53 -1.09
C GLU B 78 25.05 -49.59 -1.79
N ARG B 79 24.90 -49.39 -3.11
CA ARG B 79 25.66 -48.36 -3.82
C ARG B 79 25.34 -46.98 -3.27
N TRP B 80 24.33 -46.85 -2.41
CA TRP B 80 24.07 -45.61 -1.68
C TRP B 80 24.06 -45.91 -0.19
N LYS B 81 25.12 -45.50 0.52
CA LYS B 81 25.12 -45.59 1.97
C LYS B 81 24.52 -44.31 2.57
N ASP B 82 24.12 -44.42 3.84
CA ASP B 82 23.40 -43.33 4.51
C ASP B 82 22.06 -43.06 3.84
N SER B 83 21.50 -44.10 3.21
CA SER B 83 20.25 -44.00 2.47
C SER B 83 19.24 -44.99 3.04
N THR B 84 17.97 -44.60 2.99
CA THR B 84 16.90 -45.53 3.35
C THR B 84 15.99 -45.75 2.16
N PRO B 85 15.50 -46.98 1.96
CA PRO B 85 14.62 -47.24 0.81
C PRO B 85 13.16 -47.10 1.15
N LEU B 86 12.45 -46.29 0.39
CA LEU B 86 11.03 -46.04 0.63
C LEU B 86 10.20 -46.67 -0.49
N GLY B 87 9.16 -47.39 -0.12
CA GLY B 87 8.24 -47.97 -1.08
C GLY B 87 6.93 -47.18 -1.08
N VAL B 88 6.51 -46.76 -2.27
CA VAL B 88 5.28 -45.97 -2.44
C VAL B 88 4.38 -46.72 -3.40
N SER B 89 3.21 -47.14 -2.92
CA SER B 89 2.25 -47.83 -3.76
C SER B 89 0.87 -47.26 -3.47
N GLN B 90 -0.05 -47.39 -4.42
CA GLN B 90 -1.46 -47.13 -4.18
C GLN B 90 -2.20 -48.44 -4.41
N THR B 91 -2.93 -48.90 -3.41
CA THR B 91 -3.60 -50.19 -3.50
C THR B 91 -4.93 -50.16 -2.78
N ARG B 92 -5.71 -51.20 -3.02
CA ARG B 92 -7.00 -51.32 -2.37
C ARG B 92 -6.75 -51.87 -0.99
N ILE B 93 -7.46 -51.33 -0.01
CA ILE B 93 -7.44 -51.88 1.34
C ILE B 93 -8.86 -52.31 1.63
N GLU B 94 -9.02 -53.40 2.34
CA GLU B 94 -10.32 -54.03 2.48
C GLU B 94 -10.42 -54.60 3.88
N SER B 95 -11.46 -54.22 4.58
CA SER B 95 -11.76 -54.79 5.89
C SER B 95 -12.97 -55.66 5.69
N ASP B 96 -13.49 -56.22 6.78
CA ASP B 96 -14.71 -56.99 6.65
C ASP B 96 -15.90 -56.12 6.32
N GLN B 97 -15.90 -54.88 6.79
CA GLN B 97 -17.06 -54.01 6.71
C GLN B 97 -16.95 -52.91 5.65
N ASN B 98 -15.80 -52.72 5.02
CA ASN B 98 -15.68 -51.65 4.03
C ASN B 98 -14.36 -51.76 3.30
N ALA B 99 -14.19 -50.90 2.29
CA ALA B 99 -12.98 -50.93 1.49
C ALA B 99 -12.70 -49.54 0.95
N ASN B 100 -11.52 -49.41 0.35
CA ASN B 100 -11.08 -48.13 -0.18
C ASN B 100 -9.75 -48.33 -0.88
N THR B 101 -9.37 -47.36 -1.70
CA THR B 101 -7.99 -47.32 -2.14
C THR B 101 -7.22 -46.38 -1.22
N THR B 102 -5.90 -46.56 -1.19
CA THR B 102 -5.13 -45.87 -0.17
C THR B 102 -3.66 -46.00 -0.55
N ALA B 103 -2.85 -45.07 -0.06
CA ALA B 103 -1.44 -45.11 -0.36
C ALA B 103 -0.75 -45.95 0.69
N VAL B 104 0.21 -46.78 0.26
CA VAL B 104 0.99 -47.63 1.14
C VAL B 104 2.45 -47.26 0.95
N MET B 105 3.09 -46.82 2.01
CA MET B 105 4.52 -46.53 1.99
C MET B 105 5.23 -47.54 2.86
N GLY B 106 6.38 -48.03 2.36
CA GLY B 106 7.17 -49.04 3.02
C GLY B 106 8.49 -48.51 3.39
N LEU B 107 8.88 -48.72 4.67
CA LEU B 107 10.20 -48.42 5.18
C LEU B 107 10.73 -49.63 5.91
N PRO B 108 12.06 -49.71 6.09
CA PRO B 108 12.62 -50.86 6.79
C PRO B 108 12.19 -50.84 8.24
N GLU B 109 12.06 -52.03 8.81
CA GLU B 109 11.53 -52.15 10.17
C GLU B 109 12.32 -51.29 11.15
N GLY B 110 11.59 -50.71 12.12
CA GLY B 110 12.20 -49.88 13.14
C GLY B 110 12.52 -48.45 12.72
N THR B 111 12.42 -48.13 11.44
CA THR B 111 12.59 -46.74 11.01
C THR B 111 11.68 -45.82 11.82
N PRO B 112 12.22 -44.85 12.54
CA PRO B 112 11.37 -43.95 13.30
C PRO B 112 10.60 -43.09 12.33
N LEU B 113 9.34 -42.92 12.59
CA LEU B 113 8.55 -42.18 11.62
C LEU B 113 8.59 -40.69 11.93
N PRO B 114 8.24 -39.86 10.97
CA PRO B 114 8.02 -38.44 11.25
C PRO B 114 7.14 -38.25 12.47
N ASP B 115 7.53 -37.32 13.33
CA ASP B 115 6.65 -36.95 14.44
C ASP B 115 5.31 -36.48 13.91
N SER B 116 5.29 -35.96 12.69
CA SER B 116 4.03 -35.66 12.04
C SER B 116 3.09 -36.87 12.01
N VAL B 117 3.67 -38.07 12.05
CA VAL B 117 2.95 -39.34 12.00
C VAL B 117 3.05 -40.09 13.32
N GLY B 118 4.26 -40.14 13.89
CA GLY B 118 4.50 -40.67 15.21
C GLY B 118 4.77 -42.15 15.21
N GLY B 119 5.78 -42.58 15.96
CA GLY B 119 6.00 -43.99 16.23
C GLY B 119 7.23 -44.54 15.54
N PHE B 120 7.18 -45.84 15.26
CA PHE B 120 8.20 -46.52 14.49
C PHE B 120 7.53 -47.52 13.54
N ILE B 121 8.15 -47.73 12.37
CA ILE B 121 7.76 -48.80 11.46
C ILE B 121 7.81 -50.12 12.22
N GLU B 122 6.65 -50.68 12.53
CA GLU B 122 6.53 -52.03 13.06
C GLU B 122 6.29 -53.00 11.90
N GLN B 123 6.29 -54.30 12.20
CA GLN B 123 5.93 -55.31 11.22
C GLN B 123 4.43 -55.34 11.02
N GLY B 124 3.99 -55.27 9.78
CA GLY B 124 2.57 -55.27 9.53
C GLY B 124 2.11 -53.93 9.02
N ALA B 125 0.98 -53.41 9.50
CA ALA B 125 0.41 -52.21 8.91
C ALA B 125 0.00 -51.22 9.99
N LEU B 126 0.43 -49.96 9.84
CA LEU B 126 0.06 -48.85 10.72
C LEU B 126 -0.93 -47.94 10.00
N LEU B 127 -2.13 -47.90 10.47
CA LEU B 127 -3.22 -47.27 9.75
C LEU B 127 -3.51 -45.87 10.28
N PRO B 128 -3.68 -44.85 9.44
CA PRO B 128 -4.32 -43.62 9.90
C PRO B 128 -5.55 -43.97 10.71
N ALA B 129 -5.70 -43.32 11.88
CA ALA B 129 -6.89 -43.57 12.70
C ALA B 129 -8.16 -43.34 11.90
N GLU B 130 -8.20 -42.26 11.11
CA GLU B 130 -9.40 -42.00 10.31
C GLU B 130 -9.67 -43.16 9.35
N LEU B 131 -8.61 -43.78 8.82
CA LEU B 131 -8.79 -44.94 7.95
C LEU B 131 -9.27 -46.14 8.75
N ALA B 132 -8.70 -46.34 9.94
CA ALA B 132 -9.13 -47.45 10.77
C ALA B 132 -10.60 -47.32 11.13
N ASP B 133 -11.02 -46.14 11.55
CA ASP B 133 -12.43 -45.88 11.80
C ASP B 133 -13.28 -46.25 10.59
N PHE B 134 -12.94 -45.68 9.43
CA PHE B 134 -13.71 -45.93 8.22
C PHE B 134 -13.90 -47.42 7.97
N LEU B 135 -12.81 -48.19 8.05
CA LEU B 135 -12.84 -49.64 7.87
C LEU B 135 -13.49 -50.35 9.04
N HIS B 136 -13.61 -49.68 10.18
CA HIS B 136 -14.04 -50.28 11.44
C HIS B 136 -13.08 -51.41 11.84
N VAL B 137 -11.79 -51.06 11.97
CA VAL B 137 -10.76 -51.98 12.44
C VAL B 137 -9.90 -51.31 13.51
N ARG B 138 -9.28 -52.14 14.35
CA ARG B 138 -8.45 -51.70 15.46
C ARG B 138 -7.11 -52.42 15.33
N ALA B 139 -6.13 -51.99 16.12
CA ALA B 139 -4.88 -52.74 16.19
C ALA B 139 -5.21 -54.20 16.54
N GLY B 140 -4.62 -55.12 15.79
CA GLY B 140 -4.80 -56.53 16.01
C GLY B 140 -5.70 -57.21 14.99
N ASP B 141 -6.59 -56.47 14.34
CA ASP B 141 -7.45 -57.05 13.31
C ASP B 141 -6.67 -57.49 12.07
N HIS B 142 -7.39 -58.02 11.09
CA HIS B 142 -6.82 -58.36 9.80
C HIS B 142 -7.50 -57.56 8.70
N ILE B 143 -6.69 -57.06 7.77
CA ILE B 143 -7.17 -56.40 6.58
C ILE B 143 -6.58 -57.12 5.37
N THR B 144 -7.24 -56.98 4.24
CA THR B 144 -6.62 -57.32 2.98
C THR B 144 -6.07 -56.03 2.42
N LEU B 145 -4.82 -56.06 1.98
CA LEU B 145 -4.11 -54.90 1.47
C LEU B 145 -3.44 -55.36 0.19
N GLY B 146 -3.97 -54.96 -0.96
CA GLY B 146 -3.41 -55.51 -2.18
C GLY B 146 -3.58 -57.00 -2.26
N GLY B 147 -4.70 -57.52 -1.76
CA GLY B 147 -4.99 -58.93 -1.81
C GLY B 147 -4.26 -59.80 -0.81
N ALA B 148 -3.27 -59.24 -0.10
CA ALA B 148 -2.57 -59.98 0.93
C ALA B 148 -3.18 -59.68 2.28
N THR B 149 -3.31 -60.71 3.13
CA THR B 149 -3.74 -60.46 4.51
C THR B 149 -2.59 -59.84 5.28
N VAL B 150 -2.90 -58.78 6.02
CA VAL B 150 -1.91 -58.01 6.76
C VAL B 150 -2.53 -57.67 8.11
N THR B 151 -1.70 -57.62 9.15
CA THR B 151 -2.19 -57.35 10.51
C THR B 151 -2.08 -55.87 10.79
N VAL B 152 -3.12 -55.30 11.40
CA VAL B 152 -3.03 -53.90 11.82
C VAL B 152 -2.14 -53.84 13.06
N ALA B 153 -0.90 -53.41 12.87
CA ALA B 153 -0.01 -53.31 14.01
C ALA B 153 -0.40 -52.18 14.95
N GLY B 154 -1.10 -51.17 14.46
CA GLY B 154 -1.48 -50.02 15.26
C GLY B 154 -1.84 -48.85 14.38
N THR B 155 -2.40 -47.83 15.03
CA THR B 155 -2.83 -46.64 14.30
C THR B 155 -1.85 -45.48 14.52
N VAL B 156 -1.98 -44.49 13.65
CA VAL B 156 -1.02 -43.38 13.63
C VAL B 156 -1.77 -42.17 13.09
N LYS B 157 -1.06 -41.06 12.93
CA LYS B 157 -1.69 -39.86 12.39
C LYS B 157 -1.68 -39.92 10.85
N THR B 158 -2.12 -38.85 10.22
CA THR B 158 -2.40 -38.85 8.79
C THR B 158 -1.48 -37.87 8.07
N GLU B 159 -0.52 -38.39 7.32
CA GLU B 159 0.07 -37.63 6.23
C GLU B 159 -0.49 -38.21 4.93
N ASN B 160 -0.10 -37.64 3.79
CA ASN B 160 -0.85 -37.99 2.58
C ASN B 160 0.06 -38.13 1.37
N TYR B 161 -0.37 -39.02 0.48
CA TYR B 161 0.16 -39.19 -0.86
C TYR B 161 -1.04 -39.26 -1.79
N SER B 162 -0.90 -38.66 -2.97
CA SER B 162 -1.95 -38.60 -3.98
C SER B 162 -3.38 -38.67 -3.43
N HIS B 163 -3.71 -37.83 -2.48
CA HIS B 163 -5.09 -37.59 -2.09
C HIS B 163 -5.64 -38.67 -1.18
N THR B 164 -4.78 -39.44 -0.51
CA THR B 164 -5.24 -40.45 0.41
C THR B 164 -4.23 -40.51 1.59
N PRO B 165 -4.72 -40.94 2.74
CA PRO B 165 -3.80 -41.09 3.89
C PRO B 165 -2.93 -42.31 3.74
N VAL B 166 -1.71 -42.18 4.19
CA VAL B 166 -0.69 -43.21 3.98
C VAL B 166 -0.77 -44.27 5.08
N VAL B 167 -0.73 -45.53 4.68
CA VAL B 167 -0.63 -46.68 5.58
C VAL B 167 0.84 -47.07 5.62
N TRP B 168 1.43 -47.14 6.82
CA TRP B 168 2.86 -47.34 6.95
C TRP B 168 3.13 -48.82 7.26
N VAL B 169 3.91 -49.46 6.39
CA VAL B 169 4.21 -50.89 6.50
C VAL B 169 5.69 -51.10 6.27
N ASP B 170 6.19 -52.23 6.78
CA ASP B 170 7.60 -52.63 6.67
C ASP B 170 7.93 -53.16 5.28
N THR B 171 9.22 -53.07 4.91
CA THR B 171 9.62 -53.35 3.54
C THR B 171 9.06 -54.67 3.04
N ALA B 172 9.21 -55.74 3.82
CA ALA B 172 8.70 -57.03 3.43
C ALA B 172 7.19 -57.01 3.17
N THR B 173 6.42 -56.39 4.05
CA THR B 173 5.00 -56.26 3.78
C THR B 173 4.73 -55.44 2.53
N TRP B 174 5.43 -54.32 2.34
CA TRP B 174 5.21 -53.53 1.15
C TRP B 174 5.54 -54.34 -0.09
N GLN B 175 6.62 -55.12 -0.03
CA GLN B 175 6.97 -56.03 -1.12
C GLN B 175 5.83 -57.02 -1.40
N LEU B 176 5.20 -57.54 -0.35
CA LEU B 176 4.09 -58.46 -0.53
C LEU B 176 2.92 -57.74 -1.17
N VAL B 177 2.57 -56.58 -0.64
CA VAL B 177 1.36 -55.88 -1.06
C VAL B 177 1.50 -55.36 -2.48
N SER B 178 2.68 -54.88 -2.85
CA SER B 178 2.86 -54.33 -4.18
C SER B 178 3.34 -55.35 -5.20
N HIS B 179 3.56 -56.60 -4.80
CA HIS B 179 3.90 -57.68 -5.74
C HIS B 179 5.20 -57.42 -6.45
N THR B 180 6.28 -57.21 -5.69
CA THR B 180 7.56 -56.88 -6.31
C THR B 180 8.73 -57.37 -5.46
N LYS B 181 9.82 -57.72 -6.17
CA LYS B 181 11.12 -58.01 -5.55
C LYS B 181 11.81 -56.74 -5.04
N ALA B 182 11.40 -55.57 -5.50
CA ALA B 182 12.12 -54.36 -5.18
C ALA B 182 12.00 -54.06 -3.68
N VAL B 183 13.06 -53.46 -3.12
CA VAL B 183 13.02 -53.06 -1.73
C VAL B 183 12.31 -51.72 -1.50
N GLY B 184 12.22 -50.87 -2.52
CA GLY B 184 11.43 -49.66 -2.45
C GLY B 184 11.23 -49.08 -3.82
N THR B 185 10.72 -47.84 -3.84
CA THR B 185 10.47 -47.08 -5.06
C THR B 185 11.52 -46.02 -5.33
N VAL B 186 12.16 -45.53 -4.27
CA VAL B 186 13.13 -44.44 -4.30
C VAL B 186 14.02 -44.63 -3.08
N LEU B 187 15.10 -43.87 -3.00
CA LEU B 187 15.90 -43.89 -1.80
C LEU B 187 15.87 -42.50 -1.17
N LEU B 188 15.88 -42.48 0.16
CA LEU B 188 15.84 -41.26 0.94
C LEU B 188 17.23 -40.97 1.46
N LEU B 189 17.74 -39.78 1.15
CA LEU B 189 19.05 -39.31 1.54
C LEU B 189 18.86 -38.14 2.50
N ASN B 190 19.44 -38.26 3.71
CA ASN B 190 19.28 -37.21 4.71
C ASN B 190 20.38 -36.15 4.61
N GLN B 191 21.61 -36.56 4.34
CA GLN B 191 22.69 -35.62 4.10
C GLN B 191 22.72 -35.26 2.62
N GLU B 192 23.90 -35.03 2.06
CA GLU B 192 24.05 -34.76 0.64
C GLU B 192 24.70 -35.95 -0.06
N PRO B 193 24.54 -36.06 -1.37
CA PRO B 193 25.00 -37.27 -2.08
C PRO B 193 26.50 -37.30 -2.30
N THR B 194 27.22 -38.07 -1.50
CA THR B 194 28.67 -38.27 -1.66
C THR B 194 28.94 -39.46 -2.59
N ILE B 195 28.46 -39.30 -3.82
CA ILE B 195 28.56 -40.31 -4.86
C ILE B 195 27.76 -39.80 -6.06
N GLN B 196 27.94 -40.47 -7.19
CA GLN B 196 27.28 -40.03 -8.41
C GLN B 196 26.37 -41.11 -8.96
N PRO B 197 25.42 -40.76 -9.82
CA PRO B 197 24.44 -41.73 -10.31
C PRO B 197 24.78 -42.36 -11.65
N GLN B 198 24.35 -43.60 -11.84
CA GLN B 198 24.56 -44.31 -13.09
C GLN B 198 23.74 -43.68 -14.22
N ASP B 199 23.88 -44.26 -15.41
CA ASP B 199 23.12 -43.78 -16.56
C ASP B 199 21.62 -43.87 -16.32
N ASN B 200 21.18 -44.81 -15.49
CA ASN B 200 19.75 -45.03 -15.26
C ASN B 200 19.26 -44.47 -13.93
N GLU B 201 20.10 -43.79 -13.15
CA GLU B 201 19.71 -43.19 -11.89
C GLU B 201 19.68 -41.67 -12.00
N VAL B 202 19.05 -41.04 -11.03
CA VAL B 202 18.83 -39.59 -11.06
C VAL B 202 18.39 -39.11 -9.68
N VAL B 203 19.18 -38.20 -9.08
CA VAL B 203 18.84 -37.60 -7.79
C VAL B 203 18.00 -36.35 -8.00
N THR B 204 17.06 -36.13 -7.09
CA THR B 204 16.22 -34.94 -7.14
C THR B 204 16.25 -34.28 -5.77
N ASP B 205 16.23 -32.95 -5.75
CA ASP B 205 15.92 -32.26 -4.52
C ASP B 205 14.46 -32.53 -4.18
N LEU B 206 14.12 -32.43 -2.91
CA LEU B 206 12.76 -32.76 -2.50
C LEU B 206 11.74 -31.93 -3.27
N LYS B 207 12.13 -30.74 -3.71
CA LYS B 207 11.27 -29.96 -4.59
C LYS B 207 11.00 -30.69 -5.89
N GLY B 208 12.04 -31.27 -6.49
CA GLY B 208 11.87 -31.97 -7.75
C GLY B 208 11.07 -33.25 -7.60
N ALA B 209 11.25 -33.95 -6.48
CA ALA B 209 10.54 -35.21 -6.27
C ALA B 209 9.04 -35.04 -6.45
N PHE B 210 8.49 -33.88 -6.09
CA PHE B 210 7.07 -33.64 -6.34
C PHE B 210 6.76 -33.78 -7.82
N GLN B 211 7.69 -33.38 -8.68
CA GLN B 211 7.48 -33.48 -10.11
C GLN B 211 7.23 -34.92 -10.55
N ALA B 212 7.74 -35.88 -9.78
CA ALA B 212 7.59 -37.31 -10.02
C ALA B 212 6.25 -37.88 -9.57
N MET B 213 5.42 -37.11 -8.84
CA MET B 213 4.10 -37.58 -8.43
C MET B 213 3.08 -37.24 -9.50
N PRO B 214 2.37 -38.21 -10.04
CA PRO B 214 1.45 -37.92 -11.15
C PRO B 214 0.29 -37.02 -10.81
N ALA B 215 -0.22 -37.05 -9.57
CA ALA B 215 -1.35 -36.18 -9.22
C ALA B 215 -0.89 -34.75 -8.97
N TYR B 216 0.29 -34.57 -8.38
CA TYR B 216 0.84 -33.24 -8.17
C TYR B 216 0.78 -32.42 -9.45
N LYS B 217 1.47 -32.88 -10.50
CA LYS B 217 1.51 -32.12 -11.74
C LYS B 217 0.12 -31.81 -12.27
N SER B 218 -0.72 -32.84 -12.45
CA SER B 218 -2.00 -32.53 -13.10
C SER B 218 -2.91 -31.60 -12.24
N GLU B 219 -2.37 -31.01 -11.19
CA GLU B 219 -3.12 -30.14 -10.29
C GLU B 219 -2.37 -28.83 -10.10
N ARG B 220 -1.05 -28.92 -9.87
CA ARG B 220 -0.17 -27.76 -9.67
C ARG B 220 -0.56 -26.64 -10.65
N SER B 221 -1.01 -27.02 -11.84
CA SER B 221 -1.65 -26.04 -12.71
C SER B 221 -2.77 -25.33 -11.97
N SER B 222 -3.81 -26.07 -11.56
CA SER B 222 -5.02 -25.46 -11.04
C SER B 222 -4.78 -24.65 -9.77
N LEU B 223 -3.74 -24.98 -9.00
CA LEU B 223 -3.47 -24.20 -7.79
C LEU B 223 -2.73 -22.91 -8.11
N LEU B 224 -1.67 -22.98 -8.92
CA LEU B 224 -1.00 -21.74 -9.35
C LEU B 224 -1.98 -20.78 -10.01
N SER B 225 -2.90 -21.30 -10.82
CA SER B 225 -3.93 -20.44 -11.40
C SER B 225 -4.62 -19.60 -10.33
N MET B 226 -5.11 -20.25 -9.27
CA MET B 226 -5.69 -19.51 -8.14
C MET B 226 -4.66 -18.57 -7.51
N GLN B 227 -3.50 -19.10 -7.14
CA GLN B 227 -2.48 -18.28 -6.50
C GLN B 227 -2.17 -17.03 -7.32
N ALA B 228 -2.43 -17.06 -8.63
CA ALA B 228 -2.07 -15.98 -9.54
C ALA B 228 -3.20 -14.95 -9.70
N PHE B 229 -4.37 -15.38 -10.19
CA PHE B 229 -5.52 -14.48 -10.20
C PHE B 229 -5.74 -13.81 -8.85
N LEU B 230 -5.44 -14.49 -7.74
CA LEU B 230 -5.58 -13.86 -6.44
C LEU B 230 -4.65 -12.66 -6.32
N TYR B 231 -3.37 -12.86 -6.63
CA TYR B 231 -2.42 -11.77 -6.45
C TYR B 231 -2.62 -10.67 -7.50
N ILE B 232 -2.90 -11.05 -8.75
CA ILE B 232 -3.19 -10.05 -9.79
C ILE B 232 -4.39 -9.22 -9.37
N ILE B 233 -5.61 -9.78 -9.46
CA ILE B 233 -6.80 -8.99 -9.11
C ILE B 233 -6.56 -8.20 -7.83
N SER B 234 -5.92 -8.81 -6.83
CA SER B 234 -5.72 -8.12 -5.56
C SER B 234 -4.87 -6.87 -5.71
N ALA B 235 -3.64 -7.02 -6.21
CA ALA B 235 -2.74 -5.88 -6.32
C ALA B 235 -3.37 -4.76 -7.13
N LEU B 236 -4.12 -5.10 -8.17
CA LEU B 236 -4.81 -4.07 -8.94
C LEU B 236 -5.89 -3.41 -8.09
N VAL B 237 -6.73 -4.21 -7.44
CA VAL B 237 -7.76 -3.66 -6.57
C VAL B 237 -7.15 -2.80 -5.48
N THR B 238 -5.97 -3.15 -4.98
CA THR B 238 -5.36 -2.28 -3.98
C THR B 238 -4.86 -0.99 -4.59
N VAL B 239 -4.02 -1.08 -5.62
CA VAL B 239 -3.51 0.12 -6.26
C VAL B 239 -4.64 1.05 -6.61
N ALA B 240 -5.71 0.52 -7.22
CA ALA B 240 -6.89 1.34 -7.49
C ALA B 240 -7.43 1.96 -6.21
N PHE B 241 -7.61 1.17 -5.15
CA PHE B 241 -8.30 1.70 -3.98
C PHE B 241 -7.51 2.83 -3.32
N LEU B 242 -6.24 2.60 -3.01
CA LEU B 242 -5.45 3.67 -2.42
C LEU B 242 -5.47 4.92 -3.30
N THR B 243 -5.62 4.75 -4.61
CA THR B 243 -5.73 5.91 -5.50
C THR B 243 -7.00 6.69 -5.23
N VAL B 244 -8.17 6.02 -5.21
CA VAL B 244 -9.37 6.81 -4.95
C VAL B 244 -9.38 7.36 -3.55
N TRP B 245 -8.65 6.73 -2.62
CA TRP B 245 -8.56 7.25 -1.26
C TRP B 245 -7.73 8.53 -1.22
N THR B 246 -6.44 8.41 -1.53
CA THR B 246 -5.58 9.58 -1.59
C THR B 246 -6.19 10.71 -2.43
N LEU B 247 -7.10 10.39 -3.36
CA LEU B 247 -7.69 11.43 -4.19
C LEU B 247 -8.63 12.34 -3.39
N GLN B 248 -9.23 11.84 -2.30
CA GLN B 248 -9.97 12.73 -1.41
C GLN B 248 -9.10 13.82 -0.81
N ARG B 249 -7.80 13.75 -1.02
CA ARG B 249 -6.90 14.75 -0.47
C ARG B 249 -6.55 15.82 -1.49
N THR B 250 -7.15 15.79 -2.68
CA THR B 250 -6.75 16.72 -3.73
C THR B 250 -6.83 18.17 -3.26
N ARG B 251 -7.99 18.55 -2.73
CA ARG B 251 -8.19 19.92 -2.27
C ARG B 251 -7.10 20.38 -1.30
N ASP B 252 -6.98 19.70 -0.17
CA ASP B 252 -5.94 20.09 0.79
C ASP B 252 -4.57 20.07 0.14
N ILE B 253 -4.31 19.10 -0.72
CA ILE B 253 -3.04 19.07 -1.42
C ILE B 253 -2.90 20.30 -2.32
N ALA B 254 -4.00 20.71 -2.97
CA ALA B 254 -3.92 21.83 -3.89
C ALA B 254 -3.62 23.13 -3.15
N VAL B 255 -4.33 23.35 -2.03
CA VAL B 255 -4.02 24.47 -1.15
C VAL B 255 -2.55 24.45 -0.76
N LEU B 256 -2.06 23.32 -0.26
CA LEU B 256 -0.67 23.21 0.14
C LEU B 256 0.26 23.56 -1.01
N ALA B 257 -0.05 23.04 -2.21
CA ALA B 257 0.77 23.33 -3.39
C ALA B 257 0.83 24.83 -3.64
N ALA B 258 -0.33 25.50 -3.66
CA ALA B 258 -0.38 26.93 -3.91
C ALA B 258 0.49 27.70 -2.90
N LEU B 259 0.44 27.31 -1.63
CA LEU B 259 1.23 28.00 -0.62
C LEU B 259 2.73 27.83 -0.89
N GLY B 260 3.10 26.80 -1.66
CA GLY B 260 4.49 26.57 -2.04
C GLY B 260 5.04 25.18 -1.74
N ALA B 261 4.18 24.24 -1.36
CA ALA B 261 4.65 22.91 -0.98
C ALA B 261 5.26 22.21 -2.17
N SER B 262 6.50 21.73 -2.02
CA SER B 262 7.20 21.01 -3.07
C SER B 262 6.60 19.62 -3.25
N LYS B 263 6.75 19.05 -4.47
CA LYS B 263 6.10 17.77 -4.74
C LYS B 263 6.68 16.64 -3.89
N ARG B 264 7.99 16.70 -3.62
CA ARG B 264 8.55 15.78 -2.63
C ARG B 264 7.78 15.91 -1.33
N TYR B 265 7.71 17.14 -0.81
CA TYR B 265 6.97 17.38 0.43
C TYR B 265 5.62 16.70 0.41
N LEU B 266 4.83 16.95 -0.64
CA LEU B 266 3.48 16.41 -0.70
C LEU B 266 3.49 14.90 -0.86
N LEU B 267 4.42 14.36 -1.64
CA LEU B 267 4.56 12.92 -1.72
C LEU B 267 4.89 12.34 -0.35
N ILE B 268 5.93 12.86 0.31
CA ILE B 268 6.28 12.42 1.66
C ILE B 268 5.04 12.42 2.54
N ASP B 269 4.29 13.52 2.55
CA ASP B 269 3.11 13.60 3.41
C ASP B 269 2.12 12.49 3.07
N ALA B 270 1.81 12.33 1.78
CA ALA B 270 0.79 11.36 1.39
C ALA B 270 1.24 9.93 1.65
N LEU B 271 2.52 9.63 1.38
CA LEU B 271 3.09 8.31 1.65
C LEU B 271 3.15 8.04 3.15
N GLY B 272 3.76 8.95 3.91
CA GLY B 272 3.80 8.79 5.36
C GLY B 272 2.44 8.50 5.96
N GLN B 273 1.40 9.17 5.46
CA GLN B 273 0.05 8.90 5.98
C GLN B 273 -0.41 7.51 5.59
N ALA B 274 -0.33 7.17 4.30
CA ALA B 274 -0.76 5.85 3.84
C ALA B 274 0.05 4.75 4.51
N ALA B 275 1.36 4.94 4.56
CA ALA B 275 2.22 4.07 5.35
C ALA B 275 1.54 3.67 6.65
N ILE B 276 1.12 4.65 7.46
CA ILE B 276 0.54 4.34 8.76
C ILE B 276 -0.75 3.56 8.61
N ILE B 277 -1.64 4.01 7.74
CA ILE B 277 -2.93 3.32 7.66
C ILE B 277 -2.76 1.95 7.02
N LEU B 278 -1.91 1.85 6.00
CA LEU B 278 -1.62 0.55 5.42
C LEU B 278 -1.03 -0.39 6.46
N ALA B 279 0.06 0.03 7.11
CA ALA B 279 0.71 -0.82 8.11
C ALA B 279 -0.28 -1.33 9.14
N ALA B 280 -1.15 -0.46 9.64
CA ALA B 280 -2.18 -0.92 10.57
C ALA B 280 -3.06 -2.00 9.94
N GLY B 281 -3.43 -1.82 8.67
CA GLY B 281 -4.40 -2.74 8.08
C GLY B 281 -3.84 -4.11 7.73
N VAL B 282 -2.60 -4.14 7.20
CA VAL B 282 -1.96 -5.44 6.91
C VAL B 282 -1.61 -6.15 8.21
N ALA B 283 -1.00 -5.43 9.15
CA ALA B 283 -0.74 -6.02 10.46
C ALA B 283 -2.01 -6.66 11.00
N LEU B 284 -3.12 -5.93 10.94
CA LEU B 284 -4.34 -6.44 11.53
C LEU B 284 -4.91 -7.60 10.71
N GLY B 285 -4.80 -7.54 9.39
CA GLY B 285 -5.35 -8.59 8.56
C GLY B 285 -4.51 -9.85 8.52
N ALA B 286 -3.19 -9.69 8.65
CA ALA B 286 -2.28 -10.81 8.77
C ALA B 286 -2.34 -11.43 10.15
N GLY B 287 -2.73 -10.67 11.16
CA GLY B 287 -2.93 -11.24 12.47
C GLY B 287 -4.16 -12.11 12.52
N ILE B 288 -5.31 -11.55 12.17
CA ILE B 288 -6.55 -12.32 12.18
C ILE B 288 -6.48 -13.48 11.22
N GLY B 289 -5.54 -13.46 10.28
CA GLY B 289 -5.39 -14.60 9.40
C GLY B 289 -4.75 -15.75 10.13
N ALA B 290 -3.47 -15.60 10.49
CA ALA B 290 -2.77 -16.58 11.30
C ALA B 290 -3.71 -17.17 12.35
N LEU B 291 -4.09 -16.38 13.33
CA LEU B 291 -4.99 -16.86 14.38
C LEU B 291 -6.16 -17.60 13.75
N LEU B 292 -7.09 -16.88 13.13
CA LEU B 292 -8.26 -17.53 12.56
C LEU B 292 -7.88 -18.71 11.68
N GLY B 293 -6.65 -18.75 11.18
CA GLY B 293 -6.18 -19.86 10.37
C GLY B 293 -5.68 -21.05 11.17
N TRP B 294 -4.73 -20.82 12.07
CA TRP B 294 -4.32 -21.80 13.07
C TRP B 294 -5.50 -22.37 13.84
N LEU B 295 -6.57 -21.61 13.98
CA LEU B 295 -7.77 -22.07 14.68
C LEU B 295 -8.67 -22.93 13.83
N ILE B 296 -8.29 -23.20 12.58
CA ILE B 296 -9.18 -23.90 11.66
C ILE B 296 -8.50 -25.09 10.99
N ALA B 297 -7.22 -25.34 11.27
CA ALA B 297 -6.51 -26.51 10.75
C ALA B 297 -7.13 -27.82 11.24
N GLY B 298 -8.22 -28.24 10.60
CA GLY B 298 -8.98 -29.38 11.06
C GLY B 298 -10.18 -28.80 11.77
N SER B 299 -11.38 -28.94 11.21
CA SER B 299 -11.66 -29.85 10.10
C SER B 299 -11.31 -29.35 8.70
N VAL B 300 -10.17 -28.67 8.51
CA VAL B 300 -9.82 -28.21 7.17
C VAL B 300 -8.31 -28.08 6.97
N PRO B 301 -7.79 -28.56 5.85
CA PRO B 301 -6.35 -28.47 5.62
C PRO B 301 -5.93 -27.02 5.38
N PHE B 302 -4.85 -26.60 6.04
CA PHE B 302 -4.45 -25.19 5.99
C PHE B 302 -2.97 -25.09 6.35
N SER B 303 -2.12 -25.05 5.34
CA SER B 303 -0.69 -24.85 5.56
C SER B 303 -0.37 -23.37 5.46
N LEU B 304 0.37 -22.84 6.44
CA LEU B 304 0.73 -21.42 6.40
C LEU B 304 2.05 -21.18 7.13
N GLY B 305 3.03 -20.64 6.40
CA GLY B 305 4.33 -20.30 6.92
C GLY B 305 4.50 -18.82 7.18
N TRP B 306 5.74 -18.38 7.26
CA TRP B 306 5.96 -16.98 7.58
C TRP B 306 6.26 -16.13 6.37
N VAL B 307 6.89 -16.69 5.34
CA VAL B 307 6.84 -16.03 4.03
C VAL B 307 5.44 -16.11 3.45
N SER B 308 4.49 -16.70 4.18
CA SER B 308 3.11 -16.82 3.71
C SER B 308 2.16 -15.84 4.39
N VAL B 309 2.62 -15.03 5.34
CA VAL B 309 1.77 -14.00 5.91
C VAL B 309 2.52 -12.68 5.83
N LEU B 310 3.68 -12.61 6.48
CA LEU B 310 4.55 -11.47 6.23
C LEU B 310 4.89 -11.30 4.75
N GLY B 311 4.56 -12.26 3.90
CA GLY B 311 4.87 -12.16 2.50
C GLY B 311 3.91 -11.26 1.76
N PRO B 312 2.62 -11.54 1.88
CA PRO B 312 1.61 -10.66 1.27
C PRO B 312 1.56 -9.29 1.95
N ALA B 313 1.46 -9.26 3.29
CA ALA B 313 1.42 -8.00 4.01
C ALA B 313 2.46 -7.01 3.46
N LEU B 314 3.73 -7.40 3.39
CA LEU B 314 4.68 -6.48 2.77
C LEU B 314 4.31 -6.19 1.32
N GLY B 315 3.47 -6.99 0.70
CA GLY B 315 3.08 -6.75 -0.67
C GLY B 315 1.96 -5.74 -0.82
N ILE B 316 0.99 -5.77 0.09
CA ILE B 316 -0.06 -4.75 0.05
C ILE B 316 0.50 -3.41 0.49
N TRP B 317 1.20 -3.38 1.62
CA TRP B 317 1.86 -2.16 2.04
C TRP B 317 2.69 -1.56 0.91
N LEU B 318 3.42 -2.39 0.16
CA LEU B 318 4.19 -1.83 -0.94
C LEU B 318 3.25 -1.31 -2.04
N LEU B 319 2.22 -2.08 -2.38
CA LEU B 319 1.33 -1.68 -3.47
C LEU B 319 0.47 -0.48 -3.09
N GLY B 320 0.02 -0.41 -1.83
CA GLY B 320 -0.80 0.71 -1.40
C GLY B 320 -0.03 2.01 -1.43
N LEU B 321 1.26 1.99 -1.08
CA LEU B 321 2.09 3.17 -1.24
C LEU B 321 2.07 3.64 -2.68
N ILE B 322 2.11 2.70 -3.62
CA ILE B 322 2.09 3.05 -5.03
C ILE B 322 0.80 3.80 -5.36
N GLY B 323 -0.34 3.20 -5.04
CA GLY B 323 -1.62 3.83 -5.38
C GLY B 323 -1.76 5.25 -4.85
N ALA B 324 -1.21 5.50 -3.65
CA ALA B 324 -1.17 6.87 -3.17
C ALA B 324 -0.28 7.72 -4.05
N THR B 325 0.87 7.19 -4.45
CA THR B 325 1.78 7.91 -5.35
C THR B 325 1.09 8.30 -6.65
N ILE B 326 0.29 7.38 -7.21
CA ILE B 326 -0.45 7.70 -8.42
C ILE B 326 -1.36 8.90 -8.21
N ALA B 327 -1.97 9.01 -7.02
CA ALA B 327 -2.91 10.11 -6.79
C ALA B 327 -2.18 11.43 -6.60
N VAL B 328 -1.12 11.46 -5.80
CA VAL B 328 -0.42 12.71 -5.53
C VAL B 328 0.25 13.21 -6.79
N ARG B 329 0.92 12.32 -7.52
CA ARG B 329 1.51 12.71 -8.80
C ARG B 329 0.46 13.34 -9.69
N ASN B 330 -0.77 12.85 -9.61
CA ASN B 330 -1.85 13.36 -10.46
C ASN B 330 -2.20 14.81 -10.12
N VAL B 331 -2.38 15.12 -8.83
CA VAL B 331 -2.67 16.50 -8.43
C VAL B 331 -1.46 17.40 -8.66
N THR B 332 -0.30 17.00 -8.15
CA THR B 332 0.87 17.87 -8.22
C THR B 332 1.39 18.04 -9.65
N LYS B 333 0.81 17.32 -10.61
CA LYS B 333 1.25 17.47 -11.98
C LYS B 333 0.85 18.82 -12.56
N VAL B 334 -0.25 19.41 -12.08
CA VAL B 334 -0.90 20.50 -12.78
C VAL B 334 -0.71 21.82 -12.02
N ASP B 335 -0.88 22.92 -12.75
CA ASP B 335 -0.70 24.24 -12.18
C ASP B 335 -1.68 24.44 -11.03
N PRO B 336 -1.21 24.87 -9.87
CA PRO B 336 -2.08 24.85 -8.68
C PRO B 336 -3.40 25.52 -8.92
N GLN B 337 -3.44 26.53 -9.80
CA GLN B 337 -4.67 27.25 -10.06
C GLN B 337 -5.78 26.33 -10.55
N ILE B 338 -5.45 25.36 -11.41
CA ILE B 338 -6.45 24.44 -11.96
C ILE B 338 -6.95 23.48 -10.87
N ALA B 339 -6.03 22.94 -10.07
CA ALA B 339 -6.42 22.09 -8.94
C ALA B 339 -7.40 22.79 -7.99
N LEU B 340 -7.15 24.05 -7.68
CA LEU B 340 -8.13 24.80 -6.90
C LEU B 340 -9.44 24.98 -7.65
N GLY B 341 -9.55 24.44 -8.87
CA GLY B 341 -10.85 24.31 -9.51
C GLY B 341 -11.63 23.10 -9.03
N ALA B 342 -10.92 22.09 -8.52
CA ALA B 342 -11.54 21.02 -7.73
C ALA B 342 -12.15 21.57 -6.45
N THR B 343 -11.36 22.28 -5.64
CA THR B 343 -11.92 23.05 -4.53
C THR B 343 -13.19 23.77 -5.00
N ALA B 344 -14.25 23.65 -4.20
CA ALA B 344 -15.49 24.38 -4.44
C ALA B 344 -16.10 24.76 -3.09
#